data_2R2O
#
_entry.id   2R2O
#
_cell.length_a   50.979
_cell.length_b   56.571
_cell.length_c   99.366
_cell.angle_alpha   90.000
_cell.angle_beta   90.000
_cell.angle_gamma   90.000
#
_symmetry.space_group_name_H-M   'P 21 21 21'
#
loop_
_entity.id
_entity.type
_entity.pdbx_description
1 polymer Plexin-B1
2 non-polymer 'UNKNOWN ATOM OR ION'
3 water water
#
_entity_poly.entity_id   1
_entity_poly.type   'polypeptide(L)'
_entity_poly.pdbx_seq_one_letter_code
;(MSE)HHHHHHSSGRENLYFQGDVEYRPLTLNALLAVGPGAGEAQGVPVKVLDCDTISQAKEK(MSE)LDQLYKGVPLTQ
RPDPRTLDVEWRSGVAGHLILSDEDVTSEVQGLWRRLNTLQHYKVPDGATVALVPCLTKHVLRENQ
;
_entity_poly.pdbx_strand_id   A,B
#
# COMPACT_ATOMS: atom_id res chain seq x y z
N TYR A 22 -2.85 0.57 -24.84
CA TYR A 22 -2.44 -0.82 -24.44
C TYR A 22 -1.48 -1.45 -25.46
N ARG A 23 -0.27 -0.86 -25.61
CA ARG A 23 0.78 -1.44 -26.46
C ARG A 23 1.30 -2.83 -25.98
N PRO A 24 1.19 -3.88 -26.83
CA PRO A 24 1.87 -5.14 -26.51
C PRO A 24 3.39 -5.06 -26.63
N LEU A 25 4.08 -5.85 -25.82
CA LEU A 25 5.53 -5.99 -25.91
C LEU A 25 5.85 -7.46 -25.82
N THR A 26 7.04 -7.83 -26.32
CA THR A 26 7.64 -9.12 -26.02
C THR A 26 8.94 -8.96 -25.26
N LEU A 27 9.02 -9.62 -24.10
CA LEU A 27 10.23 -9.65 -23.31
C LEU A 27 11.09 -10.85 -23.65
N ASN A 28 12.40 -10.65 -23.57
CA ASN A 28 13.35 -11.76 -23.56
C ASN A 28 13.57 -12.14 -22.08
N ALA A 29 12.78 -13.11 -21.59
CA ALA A 29 12.77 -13.48 -20.18
C ALA A 29 13.78 -14.54 -19.86
N LEU A 30 14.45 -14.33 -18.72
CA LEU A 30 15.47 -15.20 -18.19
C LEU A 30 15.10 -15.59 -16.75
N LEU A 31 15.45 -16.82 -16.40
CA LEU A 31 15.50 -17.24 -14.99
C LEU A 31 16.96 -17.34 -14.58
N ALA A 32 17.41 -16.44 -13.72
CA ALA A 32 18.81 -16.37 -13.37
C ALA A 32 19.06 -16.93 -11.97
N ALA A 40 19.90 -18.45 -18.19
CA ALA A 40 20.98 -18.34 -19.16
C ALA A 40 20.40 -18.01 -20.54
N GLN A 41 19.50 -18.87 -21.03
CA GLN A 41 18.87 -18.68 -22.34
C GLN A 41 17.49 -18.00 -22.25
N GLY A 42 17.28 -16.97 -23.09
CA GLY A 42 16.05 -16.16 -23.03
C GLY A 42 14.82 -16.73 -23.75
N VAL A 43 13.62 -16.54 -23.18
CA VAL A 43 12.36 -17.01 -23.77
C VAL A 43 11.35 -15.85 -24.00
N PRO A 44 10.70 -15.81 -25.20
CA PRO A 44 9.72 -14.75 -25.45
C PRO A 44 8.51 -14.82 -24.52
N VAL A 45 8.15 -13.66 -23.98
CA VAL A 45 7.01 -13.52 -23.09
C VAL A 45 6.16 -12.34 -23.53
N LYS A 46 4.92 -12.60 -23.94
CA LYS A 46 3.98 -11.54 -24.35
C LYS A 46 3.42 -10.80 -23.12
N VAL A 47 3.56 -9.47 -23.11
CA VAL A 47 3.03 -8.64 -22.05
C VAL A 47 2.41 -7.40 -22.66
N LEU A 48 1.76 -6.60 -21.83
CA LEU A 48 1.28 -5.26 -22.21
C LEU A 48 2.11 -4.17 -21.50
N ASP A 49 2.22 -2.99 -22.10
CA ASP A 49 3.01 -1.93 -21.46
C ASP A 49 2.32 -1.36 -20.19
N CYS A 50 1.00 -1.57 -20.07
CA CYS A 50 0.24 -1.16 -18.89
C CYS A 50 0.12 -2.24 -17.77
N ASP A 51 0.64 -3.44 -18.00
CA ASP A 51 0.77 -4.41 -16.93
C ASP A 51 1.62 -3.81 -15.79
N THR A 52 1.15 -4.00 -14.55
CA THR A 52 1.98 -3.75 -13.37
C THR A 52 3.14 -4.75 -13.36
N ILE A 53 4.13 -4.50 -12.51
CA ILE A 53 5.28 -5.41 -12.42
C ILE A 53 4.85 -6.82 -11.93
N SER A 54 3.90 -6.86 -10.99
CA SER A 54 3.23 -8.09 -10.56
C SER A 54 2.54 -8.84 -11.72
N GLN A 55 1.79 -8.12 -12.53
CA GLN A 55 1.14 -8.75 -13.68
C GLN A 55 2.15 -9.30 -14.71
N ALA A 56 3.20 -8.54 -15.01
CA ALA A 56 4.22 -8.98 -15.95
C ALA A 56 4.98 -10.18 -15.42
N LYS A 57 5.31 -10.16 -14.12
CA LYS A 57 6.04 -11.24 -13.44
C LYS A 57 5.31 -12.61 -13.49
N GLU A 58 3.99 -12.57 -13.37
CA GLU A 58 3.12 -13.77 -13.53
C GLU A 58 3.30 -14.37 -14.90
N LYS A 59 3.16 -13.52 -15.91
CA LYS A 59 3.29 -13.92 -17.29
C LYS A 59 4.68 -14.47 -17.60
N LEU A 61 6.63 -15.95 -15.28
CA LEU A 61 6.67 -17.22 -14.53
C LEU A 61 6.00 -18.37 -15.29
N ASP A 62 4.87 -18.05 -15.92
CA ASP A 62 4.10 -18.95 -16.73
C ASP A 62 4.94 -19.57 -17.86
N GLN A 63 5.76 -18.76 -18.52
CA GLN A 63 6.63 -19.29 -19.56
C GLN A 63 7.86 -19.98 -18.97
N LEU A 64 8.49 -19.36 -17.99
CA LEU A 64 9.76 -19.87 -17.49
C LEU A 64 9.64 -21.17 -16.73
N TYR A 65 8.49 -21.44 -16.13
CA TYR A 65 8.29 -22.69 -15.34
C TYR A 65 7.50 -23.80 -16.06
N LYS A 66 7.19 -23.60 -17.33
CA LYS A 66 6.31 -24.50 -18.05
C LYS A 66 6.82 -25.96 -18.09
N GLY A 67 8.16 -26.12 -18.03
CA GLY A 67 8.83 -27.41 -18.10
C GLY A 67 9.39 -27.87 -16.76
N VAL A 68 9.06 -27.12 -15.71
CA VAL A 68 9.53 -27.40 -14.36
C VAL A 68 8.46 -28.12 -13.52
N PRO A 69 8.82 -29.26 -12.90
CA PRO A 69 7.79 -29.92 -12.06
C PRO A 69 7.21 -29.00 -10.99
N LEU A 70 5.95 -29.23 -10.67
CA LEU A 70 5.24 -28.48 -9.63
C LEU A 70 6.05 -28.30 -8.38
N THR A 71 6.66 -29.37 -7.91
CA THR A 71 7.38 -29.40 -6.64
C THR A 71 8.70 -28.62 -6.65
N GLN A 72 9.20 -28.27 -7.85
CA GLN A 72 10.47 -27.61 -8.00
C GLN A 72 10.32 -26.14 -8.30
N ARG A 73 9.10 -25.65 -8.47
CA ARG A 73 8.86 -24.24 -8.78
C ARG A 73 8.96 -23.40 -7.50
N PRO A 74 9.81 -22.38 -7.49
CA PRO A 74 9.88 -21.52 -6.30
C PRO A 74 8.64 -20.68 -6.12
N ASP A 75 8.38 -20.30 -4.88
CA ASP A 75 7.39 -19.28 -4.56
C ASP A 75 7.74 -17.95 -5.26
N PRO A 76 6.79 -17.33 -6.01
CA PRO A 76 7.09 -16.11 -6.75
C PRO A 76 7.70 -14.99 -5.89
N ARG A 77 7.33 -14.96 -4.61
CA ARG A 77 7.74 -13.92 -3.71
C ARG A 77 9.23 -13.96 -3.40
N THR A 78 9.88 -15.08 -3.70
CA THR A 78 11.32 -15.22 -3.50
C THR A 78 12.10 -14.69 -4.72
N LEU A 79 11.39 -14.28 -5.76
CA LEU A 79 12.05 -13.76 -6.97
C LEU A 79 11.81 -12.25 -7.13
N ASP A 80 12.82 -11.55 -7.64
CA ASP A 80 12.70 -10.14 -8.07
C ASP A 80 12.70 -10.07 -9.61
N VAL A 81 12.18 -8.97 -10.15
CA VAL A 81 12.20 -8.68 -11.59
C VAL A 81 13.37 -7.72 -11.89
N GLU A 82 14.29 -8.14 -12.74
CA GLU A 82 15.49 -7.37 -13.02
C GLU A 82 15.54 -7.06 -14.51
N TRP A 83 15.41 -5.78 -14.84
CA TRP A 83 15.58 -5.34 -16.23
C TRP A 83 17.07 -5.08 -16.51
N ARG A 84 17.64 -5.85 -17.44
CA ARG A 84 19.02 -5.67 -17.90
C ARG A 84 18.97 -4.87 -19.19
N SER A 85 19.10 -3.55 -19.07
CA SER A 85 18.95 -2.68 -20.20
C SER A 85 20.16 -2.79 -21.11
N GLY A 86 19.97 -2.43 -22.36
CA GLY A 86 21.04 -2.63 -23.36
C GLY A 86 22.30 -1.87 -22.99
N VAL A 87 22.11 -0.64 -22.55
CA VAL A 87 23.20 0.33 -22.52
C VAL A 87 23.36 1.07 -21.19
N ALA A 88 22.45 0.84 -20.24
CA ALA A 88 22.39 1.64 -19.03
C ALA A 88 22.20 0.82 -17.75
N GLY A 89 22.80 -0.37 -17.70
CA GLY A 89 22.77 -1.18 -16.48
C GLY A 89 21.44 -1.84 -16.11
N HIS A 90 21.48 -2.51 -14.97
CA HIS A 90 20.37 -3.34 -14.48
C HIS A 90 19.54 -2.55 -13.47
N LEU A 91 18.26 -2.89 -13.38
CA LEU A 91 17.31 -2.24 -12.48
C LEU A 91 16.27 -3.28 -11.97
N ILE A 92 16.10 -3.35 -10.64
CA ILE A 92 14.98 -4.09 -10.03
C ILE A 92 13.70 -3.30 -10.22
N LEU A 93 12.68 -3.95 -10.78
CA LEU A 93 11.39 -3.33 -11.00
C LEU A 93 10.42 -3.87 -9.94
N SER A 94 9.55 -3.01 -9.40
CA SER A 94 8.50 -3.45 -8.49
C SER A 94 7.25 -2.57 -8.62
N ASP A 95 6.15 -3.03 -8.03
CA ASP A 95 4.89 -2.26 -8.06
C ASP A 95 4.98 -0.93 -7.30
N GLU A 96 5.82 -0.86 -6.28
CA GLU A 96 5.99 0.36 -5.48
C GLU A 96 7.44 0.57 -5.08
N ASP A 97 8.00 1.71 -5.46
CA ASP A 97 9.37 2.08 -5.09
C ASP A 97 9.54 3.60 -5.10
N VAL A 98 10.77 4.07 -4.92
CA VAL A 98 11.03 5.51 -4.84
CA VAL A 98 11.00 5.51 -4.81
C VAL A 98 10.60 6.25 -6.10
N THR A 99 10.48 5.51 -7.22
CA THR A 99 10.07 6.09 -8.53
C THR A 99 8.56 6.26 -8.74
N SER A 100 7.73 5.65 -7.89
CA SER A 100 6.27 5.65 -8.15
C SER A 100 5.68 7.03 -8.24
N GLU A 101 4.77 7.23 -9.20
CA GLU A 101 4.00 8.47 -9.30
C GLU A 101 3.12 8.64 -8.08
N VAL A 102 3.30 9.75 -7.38
CA VAL A 102 2.45 10.09 -6.25
C VAL A 102 1.81 11.44 -6.55
N GLN A 103 0.54 11.61 -6.12
CA GLN A 103 -0.14 12.93 -6.20
C GLN A 103 -0.98 13.13 -4.92
N GLY A 104 -0.44 13.93 -4.00
CA GLY A 104 -0.99 14.07 -2.66
C GLY A 104 -1.10 12.74 -1.93
N LEU A 105 -2.32 12.36 -1.56
CA LEU A 105 -2.63 11.05 -0.94
C LEU A 105 -2.78 9.87 -1.92
N TRP A 106 -2.63 10.14 -3.23
CA TRP A 106 -2.75 9.13 -4.27
C TRP A 106 -1.36 8.59 -4.74
N ARG A 107 -1.34 7.31 -5.11
CA ARG A 107 -0.11 6.67 -5.65
C ARG A 107 -0.49 5.70 -6.75
N ARG A 108 0.30 5.68 -7.83
CA ARG A 108 0.07 4.79 -8.95
C ARG A 108 0.96 3.56 -8.87
N LEU A 109 0.37 2.39 -9.04
CA LEU A 109 1.17 1.14 -9.21
C LEU A 109 2.09 1.27 -10.45
N ASN A 110 3.36 0.84 -10.30
CA ASN A 110 4.34 0.89 -11.42
C ASN A 110 4.02 -0.17 -12.43
N THR A 111 4.05 0.26 -13.69
CA THR A 111 3.89 -0.57 -14.85
C THR A 111 5.21 -0.63 -15.64
N LEU A 112 5.21 -1.50 -16.66
CA LEU A 112 6.31 -1.55 -17.61
C LEU A 112 6.54 -0.19 -18.29
N GLN A 113 5.46 0.44 -18.79
CA GLN A 113 5.58 1.77 -19.42
C GLN A 113 6.11 2.83 -18.46
N HIS A 114 5.73 2.77 -17.18
CA HIS A 114 6.26 3.66 -16.16
C HIS A 114 7.80 3.72 -16.17
N TYR A 115 8.42 2.55 -16.26
CA TYR A 115 9.85 2.40 -16.17
C TYR A 115 10.51 2.65 -17.53
N LYS A 116 9.69 2.63 -18.59
CA LYS A 116 10.04 2.82 -19.98
C LYS A 116 10.64 1.55 -20.59
N VAL A 117 10.13 0.39 -20.20
CA VAL A 117 10.62 -0.88 -20.73
C VAL A 117 10.23 -1.01 -22.22
N PRO A 118 11.25 -1.17 -23.11
CA PRO A 118 10.97 -1.25 -24.54
C PRO A 118 10.55 -2.65 -25.00
N ASP A 119 9.90 -2.73 -26.15
CA ASP A 119 9.67 -4.00 -26.80
C ASP A 119 11.00 -4.73 -26.94
N GLY A 120 11.03 -6.02 -26.63
CA GLY A 120 12.26 -6.81 -26.80
C GLY A 120 13.27 -6.70 -25.65
N ALA A 121 12.90 -6.02 -24.57
CA ALA A 121 13.80 -5.90 -23.40
C ALA A 121 14.13 -7.27 -22.73
N THR A 122 15.40 -7.41 -22.34
CA THR A 122 15.86 -8.56 -21.57
C THR A 122 15.51 -8.31 -20.13
N VAL A 123 14.69 -9.21 -19.57
CA VAL A 123 14.27 -9.13 -18.17
C VAL A 123 14.50 -10.49 -17.50
N ALA A 124 15.21 -10.50 -16.37
CA ALA A 124 15.47 -11.73 -15.59
C ALA A 124 14.65 -11.81 -14.30
N LEU A 125 14.30 -13.03 -13.90
CA LEU A 125 13.82 -13.26 -12.55
C LEU A 125 15.01 -13.73 -11.73
N VAL A 126 15.29 -13.01 -10.65
CA VAL A 126 16.52 -13.22 -9.89
C VAL A 126 16.17 -13.45 -8.42
N PRO A 127 17.04 -14.17 -7.68
CA PRO A 127 16.79 -14.37 -6.25
C PRO A 127 16.52 -13.06 -5.54
N CYS A 128 15.51 -13.06 -4.69
CA CYS A 128 15.01 -11.85 -4.08
C CYS A 128 15.77 -11.49 -2.79
N TYR B 22 -10.34 19.74 3.88
CA TYR B 22 -9.55 20.64 4.78
C TYR B 22 -10.42 21.22 5.93
N ARG B 23 -11.64 20.69 6.08
CA ARG B 23 -12.52 21.02 7.21
C ARG B 23 -11.90 20.56 8.55
N PRO B 24 -11.80 21.48 9.54
CA PRO B 24 -11.45 21.01 10.91
C PRO B 24 -12.57 20.19 11.56
N LEU B 25 -12.18 19.21 12.39
CA LEU B 25 -13.14 18.40 13.13
C LEU B 25 -12.64 18.30 14.53
N THR B 26 -13.55 18.13 15.48
CA THR B 26 -13.21 17.76 16.85
C THR B 26 -13.81 16.39 17.11
N LEU B 27 -12.98 15.43 17.51
CA LEU B 27 -13.48 14.10 17.81
C LEU B 27 -13.69 13.97 19.31
N ASN B 28 -14.62 13.10 19.70
CA ASN B 28 -14.76 12.69 21.11
C ASN B 28 -13.96 11.39 21.30
N ALA B 29 -12.72 11.49 21.82
CA ALA B 29 -11.78 10.37 21.86
C ALA B 29 -11.77 9.64 23.21
N LEU B 30 -11.77 8.29 23.15
CA LEU B 30 -11.73 7.39 24.31
C LEU B 30 -10.69 6.32 24.13
N LEU B 31 -10.19 5.76 25.25
CA LEU B 31 -9.58 4.41 25.31
C LEU B 31 -10.62 3.31 25.54
N ALA B 32 -10.53 2.22 24.79
CA ALA B 32 -11.55 1.15 24.87
C ALA B 32 -11.40 0.22 26.07
N VAL B 33 -10.24 0.23 26.72
CA VAL B 33 -10.06 -0.58 27.94
C VAL B 33 -9.96 0.41 29.12
N GLY B 34 -10.09 -0.08 30.35
CA GLY B 34 -10.12 0.79 31.57
C GLY B 34 -11.54 1.13 32.00
N PRO B 35 -11.78 1.46 33.28
CA PRO B 35 -13.15 1.73 33.80
C PRO B 35 -13.78 3.05 33.32
N ALA B 40 -19.32 10.59 28.02
CA ALA B 40 -18.89 11.52 29.07
C ALA B 40 -17.41 11.35 29.41
N GLN B 41 -16.82 10.19 29.12
CA GLN B 41 -15.41 9.98 29.45
C GLN B 41 -14.49 10.52 28.35
N GLY B 42 -15.06 10.85 27.20
CA GLY B 42 -14.26 11.24 26.04
C GLY B 42 -13.61 12.62 26.16
N VAL B 43 -12.45 12.77 25.54
CA VAL B 43 -11.75 14.04 25.52
C VAL B 43 -11.74 14.58 24.10
N PRO B 44 -11.80 15.90 23.94
CA PRO B 44 -11.83 16.48 22.61
C PRO B 44 -10.47 16.44 21.92
N VAL B 45 -10.47 16.08 20.63
CA VAL B 45 -9.27 16.04 19.80
C VAL B 45 -9.55 16.76 18.48
N LYS B 46 -8.88 17.89 18.29
CA LYS B 46 -8.92 18.65 17.04
C LYS B 46 -8.10 17.88 16.00
N VAL B 47 -8.73 17.60 14.88
CA VAL B 47 -8.10 16.98 13.74
C VAL B 47 -8.53 17.72 12.50
N LEU B 48 -7.94 17.36 11.36
CA LEU B 48 -8.44 17.81 10.06
C LEU B 48 -9.11 16.62 9.39
N ASP B 49 -10.12 16.86 8.56
CA ASP B 49 -10.78 15.73 7.88
C ASP B 49 -9.84 15.08 6.81
N CYS B 50 -8.81 15.81 6.38
CA CYS B 50 -7.81 15.28 5.42
C CYS B 50 -6.60 14.60 6.12
N ASP B 51 -6.62 14.52 7.46
CA ASP B 51 -5.69 13.65 8.18
C ASP B 51 -5.88 12.18 7.80
N THR B 52 -4.77 11.45 7.61
CA THR B 52 -4.86 10.02 7.46
C THR B 52 -5.27 9.45 8.82
N ILE B 53 -5.62 8.17 8.85
CA ILE B 53 -6.00 7.50 10.12
C ILE B 53 -4.76 7.46 11.05
N SER B 54 -3.59 7.16 10.50
CA SER B 54 -2.31 7.26 11.22
C SER B 54 -2.09 8.61 11.90
N GLN B 55 -2.30 9.68 11.15
CA GLN B 55 -2.19 11.03 11.63
C GLN B 55 -3.21 11.35 12.67
N ALA B 56 -4.48 10.94 12.45
CA ALA B 56 -5.53 11.15 13.47
C ALA B 56 -5.21 10.43 14.77
N LYS B 57 -4.75 9.18 14.65
CA LYS B 57 -4.32 8.37 15.79
C LYS B 57 -3.25 9.03 16.65
N GLU B 58 -2.21 9.55 15.99
CA GLU B 58 -1.14 10.27 16.66
C GLU B 58 -1.70 11.46 17.46
N LYS B 59 -2.57 12.26 16.86
CA LYS B 59 -3.23 13.40 17.55
C LYS B 59 -4.10 12.94 18.73
N LEU B 61 -3.67 10.07 20.52
CA LEU B 61 -2.76 9.61 21.59
C LEU B 61 -2.15 10.76 22.38
N ASP B 62 -1.77 11.81 21.69
CA ASP B 62 -1.11 12.97 22.31
C ASP B 62 -2.06 13.73 23.21
N GLN B 63 -3.34 13.77 22.88
CA GLN B 63 -4.32 14.36 23.78
C GLN B 63 -4.67 13.44 24.90
N LEU B 64 -5.02 12.21 24.57
CA LEU B 64 -5.42 11.25 25.62
C LEU B 64 -4.33 10.99 26.65
N TYR B 65 -3.07 10.89 26.19
CA TYR B 65 -1.96 10.63 27.09
C TYR B 65 -1.15 11.85 27.50
N LYS B 66 -1.70 13.05 27.33
CA LYS B 66 -1.04 14.30 27.75
C LYS B 66 -0.60 14.21 29.22
N GLY B 67 0.67 14.48 29.47
CA GLY B 67 1.23 14.37 30.82
C GLY B 67 1.87 13.04 31.13
N VAL B 68 1.63 12.03 30.31
CA VAL B 68 2.18 10.69 30.53
C VAL B 68 3.49 10.53 29.71
N PRO B 69 4.61 10.22 30.39
CA PRO B 69 5.85 10.02 29.65
C PRO B 69 5.75 8.97 28.54
N LEU B 70 6.55 9.20 27.50
CA LEU B 70 6.71 8.29 26.37
C LEU B 70 6.83 6.83 26.82
N THR B 71 7.65 6.62 27.85
CA THR B 71 7.95 5.29 28.37
C THR B 71 6.72 4.61 29.00
N GLN B 72 5.66 5.37 29.23
CA GLN B 72 4.46 4.85 29.85
C GLN B 72 3.30 4.85 28.87
N ARG B 73 3.60 5.09 27.60
CA ARG B 73 2.54 5.11 26.61
C ARG B 73 2.58 3.79 25.81
N PRO B 74 1.41 3.32 25.33
CA PRO B 74 1.41 2.14 24.50
C PRO B 74 2.08 2.41 23.14
N ASP B 75 2.69 1.40 22.56
CA ASP B 75 3.13 1.48 21.15
C ASP B 75 1.88 1.69 20.24
N PRO B 76 1.86 2.76 19.43
CA PRO B 76 0.73 3.06 18.52
C PRO B 76 0.33 1.91 17.62
N ARG B 77 1.32 1.14 17.16
CA ARG B 77 1.06 -0.02 16.33
C ARG B 77 0.27 -1.10 17.05
N THR B 78 0.10 -0.99 18.36
CA THR B 78 -0.70 -1.96 19.11
C THR B 78 -2.16 -1.52 19.29
N LEU B 79 -2.55 -0.38 18.69
CA LEU B 79 -3.89 0.13 18.82
C LEU B 79 -4.56 0.26 17.47
N ASP B 80 -5.85 -0.02 17.45
CA ASP B 80 -6.69 0.26 16.28
C ASP B 80 -7.59 1.43 16.60
N VAL B 81 -7.99 2.12 15.56
CA VAL B 81 -8.87 3.26 15.63
C VAL B 81 -10.29 2.72 15.35
N GLU B 82 -11.18 2.88 16.31
CA GLU B 82 -12.57 2.44 16.21
C GLU B 82 -13.54 3.58 16.24
N TRP B 83 -14.15 3.81 15.09
CA TRP B 83 -15.26 4.78 14.95
C TRP B 83 -16.63 4.13 15.38
N ARG B 84 -17.21 4.58 16.51
CA ARG B 84 -18.41 4.07 17.08
C ARG B 84 -19.56 4.89 16.55
N SER B 85 -19.99 4.48 15.35
CA SER B 85 -21.10 5.09 14.67
C SER B 85 -22.34 4.24 14.88
N GLY B 86 -23.44 4.90 15.20
CA GLY B 86 -24.75 4.27 15.29
C GLY B 86 -25.31 4.04 13.90
N VAL B 87 -24.76 4.74 12.90
CA VAL B 87 -25.18 4.61 11.50
C VAL B 87 -24.34 3.62 10.69
N ALA B 88 -23.01 3.73 10.73
CA ALA B 88 -22.13 2.87 9.89
C ALA B 88 -21.75 1.56 10.63
N GLY B 89 -21.96 1.57 11.95
CA GLY B 89 -21.41 0.55 12.86
C GLY B 89 -20.11 0.94 13.56
N HIS B 90 -19.60 0.05 14.41
CA HIS B 90 -18.33 0.26 15.07
C HIS B 90 -17.25 -0.24 14.14
N LEU B 91 -16.65 0.69 13.41
CA LEU B 91 -15.72 0.38 12.35
C LEU B 91 -14.30 0.60 12.73
N ILE B 92 -13.42 -0.34 12.32
CA ILE B 92 -11.99 -0.21 12.45
C ILE B 92 -11.47 0.55 11.21
N LEU B 93 -10.87 1.73 11.45
CA LEU B 93 -10.38 2.61 10.41
C LEU B 93 -8.89 2.33 10.22
N SER B 94 -8.43 2.39 8.97
CA SER B 94 -7.01 2.14 8.61
C SER B 94 -6.66 3.05 7.48
N ASP B 95 -5.37 3.33 7.31
CA ASP B 95 -4.88 4.04 6.12
C ASP B 95 -5.20 3.32 4.79
N GLU B 96 -5.21 2.00 4.82
CA GLU B 96 -5.47 1.19 3.64
C GLU B 96 -6.31 -0.02 3.97
N ASP B 97 -7.41 -0.19 3.24
CA ASP B 97 -8.29 -1.33 3.46
C ASP B 97 -9.13 -1.54 2.24
N VAL B 98 -10.10 -2.44 2.34
CA VAL B 98 -10.95 -2.79 1.18
C VAL B 98 -11.80 -1.63 0.67
N THR B 99 -11.98 -0.61 1.50
CA THR B 99 -12.75 0.53 1.08
C THR B 99 -11.94 1.59 0.37
N SER B 100 -10.61 1.48 0.33
CA SER B 100 -9.79 2.58 -0.19
C SER B 100 -10.19 2.94 -1.61
N GLU B 101 -10.29 4.23 -1.90
CA GLU B 101 -10.65 4.69 -3.25
C GLU B 101 -9.58 4.28 -4.26
N VAL B 102 -10.04 3.72 -5.39
CA VAL B 102 -9.18 3.35 -6.51
C VAL B 102 -9.68 4.05 -7.79
N GLN B 103 -8.73 4.35 -8.67
CA GLN B 103 -9.00 4.89 -9.99
C GLN B 103 -7.94 4.31 -10.92
N GLY B 104 -8.30 3.29 -11.70
CA GLY B 104 -7.33 2.61 -12.55
C GLY B 104 -6.25 1.98 -11.69
N LEU B 105 -5.00 2.42 -11.89
CA LEU B 105 -3.84 1.94 -11.13
C LEU B 105 -3.51 2.84 -9.90
N TRP B 106 -4.32 3.90 -9.70
CA TRP B 106 -4.14 4.85 -8.59
C TRP B 106 -4.95 4.43 -7.38
N ARG B 107 -4.33 4.41 -6.20
CA ARG B 107 -5.04 4.18 -4.94
C ARG B 107 -4.76 5.33 -3.98
N ARG B 108 -5.79 5.72 -3.26
CA ARG B 108 -5.70 6.82 -2.29
C ARG B 108 -5.62 6.30 -0.85
N LEU B 109 -4.76 6.90 -0.02
CA LEU B 109 -4.75 6.63 1.43
C LEU B 109 -6.02 7.12 2.06
N ASN B 110 -6.53 6.37 3.01
CA ASN B 110 -7.77 6.72 3.68
C ASN B 110 -7.56 7.83 4.71
N THR B 111 -8.50 8.79 4.69
CA THR B 111 -8.57 9.84 5.66
C THR B 111 -9.86 9.73 6.44
N LEU B 112 -10.01 10.62 7.42
CA LEU B 112 -11.28 10.77 8.11
C LEU B 112 -12.42 11.16 7.14
N GLN B 113 -12.12 12.05 6.19
CA GLN B 113 -13.05 12.42 5.15
C GLN B 113 -13.46 11.24 4.22
N HIS B 114 -12.52 10.38 3.89
CA HIS B 114 -12.82 9.10 3.19
C HIS B 114 -13.96 8.28 3.84
N TYR B 115 -13.92 8.14 5.16
CA TYR B 115 -14.95 7.40 5.91
C TYR B 115 -16.21 8.26 6.23
N LYS B 116 -16.12 9.55 6.00
CA LYS B 116 -17.19 10.52 6.23
C LYS B 116 -17.52 10.55 7.69
N VAL B 117 -16.43 10.54 8.49
CA VAL B 117 -16.51 10.71 9.93
C VAL B 117 -17.00 12.14 10.23
N PRO B 118 -18.13 12.23 10.92
CA PRO B 118 -18.67 13.56 11.18
C PRO B 118 -18.00 14.23 12.39
N ASP B 119 -18.09 15.56 12.41
CA ASP B 119 -17.70 16.38 13.57
C ASP B 119 -18.38 15.88 14.84
N GLY B 120 -17.61 15.77 15.93
CA GLY B 120 -18.13 15.24 17.21
C GLY B 120 -18.29 13.71 17.30
N ALA B 121 -17.83 12.99 16.30
CA ALA B 121 -17.78 11.52 16.32
C ALA B 121 -16.99 10.98 17.53
N THR B 122 -17.56 9.97 18.18
CA THR B 122 -16.86 9.18 19.17
C THR B 122 -15.95 8.20 18.45
N VAL B 123 -14.68 8.26 18.83
CA VAL B 123 -13.65 7.37 18.30
C VAL B 123 -12.82 6.87 19.47
N ALA B 124 -12.66 5.55 19.49
CA ALA B 124 -11.97 4.84 20.56
C ALA B 124 -10.66 4.27 20.04
N LEU B 125 -9.68 4.23 20.93
CA LEU B 125 -8.50 3.44 20.70
C LEU B 125 -8.60 2.04 21.35
N VAL B 126 -8.50 1.02 20.52
CA VAL B 126 -8.74 -0.37 20.94
C VAL B 126 -7.44 -1.16 20.83
N PRO B 127 -7.05 -1.85 21.93
CA PRO B 127 -5.91 -2.75 21.97
C PRO B 127 -5.99 -3.83 20.92
N CYS B 128 -4.93 -3.96 20.13
CA CYS B 128 -5.01 -4.53 18.79
C CYS B 128 -3.93 -5.57 18.52
#